data_5O8W
#
_entry.id   5O8W
#
_cell.length_a   63.850
_cell.length_b   91.810
_cell.length_c   92.980
_cell.angle_alpha   90.00
_cell.angle_beta   90.00
_cell.angle_gamma   90.00
#
_symmetry.space_group_name_H-M   'P 21 21 21'
#
loop_
_entity.id
_entity.type
_entity.pdbx_description
1 polymer 'Elongation factor 1-alpha'
2 polymer 'Elongation factor 1-beta'
3 non-polymer GLUTAMINE
4 non-polymer 'TRIETHYLENE GLYCOL'
5 water water
#
loop_
_entity_poly.entity_id
_entity_poly.type
_entity_poly.pdbx_seq_one_letter_code
_entity_poly.pdbx_strand_id
1 'polypeptide(L)'
;MGKEKSHINVVVIGHVDSGKSTTTGHLIY(MLZ)CGGIDKRTIEKFEKEAAELGKGSFKYAWVLDKLKAERERGITIDIA
LW(M3L)FETPKYQVTVIDAPGHRDFIKNMITGTSQADCAILIIAGGVGEFEAGISKDGQTREHALLAFTLGVRQLIVAV
NKMDSVKWDESRFQEIVKETSNFIKKVGYNPKTVPFVPISGWNGDNMIEATTNAPWYKGWEKETKAGVVKGKTLLEAIDA
IEQPSRPTDKPLRLPLQDVYKIGGIGTVPVGRVETGVIKPGMVVTFAPAGVTTEVKSVEMHHEQLEQGVPGDNVGFNVKN
VSVKEIRRGNVCGDAKNDPPKGCASFNATVIVLNHPGQISAGYSPVLDCHTAHIACRFDELLEKNDRRSGKKLEDHPKFL
KSGDAALVKFVPSKPMCVEAFSEYPPLGRFAVRDMRQTVAVGVIKSVDKTEKAAKVTKAAQKAAKK(UNK)(UNK)
(UNK)(UNK)(UNK)(UNK)(UNK)(UNK)
;
A
2 'polypeptide(L)'
;KPAKPAAKSIVTLDVKPWDDETNLEE(MSE)VANVKAIE(MSE)EGLTWGAHQFIPIGFGIKKLQINCVVEDDKVSLDDL
QQSIEEDEDHVQSTDIAA(MSE)QKL
;
B
#
# COMPACT_ATOMS: atom_id res chain seq x y z
N GLY A 2 17.12 -15.33 18.00
CA GLY A 2 16.16 -15.26 16.90
C GLY A 2 16.79 -15.50 15.54
N LYS A 3 16.09 -16.23 14.68
CA LYS A 3 16.63 -16.58 13.38
C LYS A 3 16.34 -15.49 12.34
N GLU A 4 17.02 -15.58 11.20
CA GLU A 4 16.85 -14.60 10.15
C GLU A 4 15.52 -14.80 9.43
N LYS A 5 14.85 -13.70 9.13
CA LYS A 5 13.48 -13.73 8.63
C LYS A 5 13.41 -13.23 7.19
N SER A 6 12.47 -13.79 6.43
N SER A 6 12.46 -13.79 6.44
CA SER A 6 12.11 -13.22 5.14
CA SER A 6 12.09 -13.22 5.16
C SER A 6 11.05 -12.14 5.38
C SER A 6 11.06 -12.13 5.38
N HIS A 7 10.91 -11.24 4.41
CA HIS A 7 9.98 -10.11 4.53
C HIS A 7 8.74 -10.31 3.68
N ILE A 8 7.57 -10.10 4.26
CA ILE A 8 6.31 -10.12 3.52
C ILE A 8 5.46 -8.92 3.93
N ASN A 9 4.50 -8.59 3.06
CA ASN A 9 3.56 -7.49 3.25
C ASN A 9 2.16 -8.05 3.37
N VAL A 10 1.40 -7.56 4.34
CA VAL A 10 0.03 -8.02 4.53
C VAL A 10 -0.89 -6.81 4.68
N VAL A 11 -2.09 -6.88 4.09
CA VAL A 11 -3.10 -5.83 4.25
C VAL A 11 -4.32 -6.44 4.90
N VAL A 12 -4.85 -5.76 5.93
CA VAL A 12 -5.98 -6.25 6.71
C VAL A 12 -7.19 -5.40 6.35
N ILE A 13 -8.26 -6.06 5.91
CA ILE A 13 -9.45 -5.37 5.41
C ILE A 13 -10.69 -5.90 6.14
N GLY A 14 -11.75 -5.09 6.14
CA GLY A 14 -12.97 -5.49 6.83
C GLY A 14 -13.79 -4.28 7.21
N HIS A 15 -15.04 -4.55 7.57
CA HIS A 15 -16.04 -3.51 7.83
C HIS A 15 -15.72 -2.79 9.15
N VAL A 16 -16.30 -1.60 9.31
CA VAL A 16 -15.98 -0.81 10.51
C VAL A 16 -16.35 -1.54 11.80
N ASP A 17 -17.31 -2.47 11.75
CA ASP A 17 -17.70 -3.19 12.97
C ASP A 17 -16.99 -4.53 13.13
N SER A 18 -15.97 -4.82 12.31
CA SER A 18 -15.34 -6.13 12.28
C SER A 18 -14.32 -6.32 13.40
N GLY A 19 -13.90 -5.26 14.07
CA GLY A 19 -12.86 -5.42 15.06
C GLY A 19 -11.47 -5.59 14.48
N LYS A 20 -11.25 -5.17 13.22
CA LYS A 20 -9.97 -5.49 12.60
C LYS A 20 -8.81 -4.66 13.17
N SER A 21 -9.09 -3.47 13.72
CA SER A 21 -8.00 -2.69 14.30
C SER A 21 -7.53 -3.28 15.63
N THR A 22 -8.46 -3.80 16.46
CA THR A 22 -8.02 -4.49 17.67
C THR A 22 -7.25 -5.75 17.33
N THR A 23 -7.74 -6.49 16.34
CA THR A 23 -7.07 -7.71 15.90
C THR A 23 -5.67 -7.41 15.40
N THR A 24 -5.53 -6.45 14.48
CA THR A 24 -4.20 -6.10 13.98
C THR A 24 -3.34 -5.56 15.11
N GLY A 25 -3.92 -4.71 15.94
CA GLY A 25 -3.16 -4.13 17.05
C GLY A 25 -2.62 -5.19 17.98
N HIS A 26 -3.41 -6.25 18.24
CA HIS A 26 -2.98 -7.33 19.12
C HIS A 26 -1.76 -8.04 18.56
N LEU A 27 -1.77 -8.34 17.26
CA LEU A 27 -0.60 -8.96 16.66
C LEU A 27 0.64 -8.07 16.79
N ILE A 28 0.49 -6.77 16.53
CA ILE A 28 1.65 -5.89 16.60
C ILE A 28 2.15 -5.75 18.03
N TYR A 29 1.23 -5.68 18.97
CA TYR A 29 1.58 -5.60 20.38
C TYR A 29 2.37 -6.82 20.84
N CYS A 31 3.68 -9.37 19.00
CA CYS A 31 4.68 -9.94 18.09
C CYS A 31 5.59 -8.88 17.46
N GLY A 32 5.37 -7.62 17.82
CA GLY A 32 6.16 -6.55 17.26
C GLY A 32 6.61 -5.57 18.32
N GLY A 33 7.07 -4.40 17.88
CA GLY A 33 7.62 -3.41 18.79
C GLY A 33 7.35 -1.99 18.35
N ILE A 34 6.07 -1.63 18.32
CA ILE A 34 5.60 -0.32 17.87
C ILE A 34 5.02 0.43 19.07
N ASP A 35 5.51 1.66 19.29
CA ASP A 35 5.02 2.53 20.36
C ASP A 35 5.11 1.85 21.73
N LYS A 36 6.20 1.13 21.94
CA LYS A 36 6.26 0.30 23.15
C LYS A 36 6.38 1.15 24.42
N ARG A 37 6.91 2.37 24.35
CA ARG A 37 6.94 3.18 25.57
C ARG A 37 5.52 3.56 25.99
N THR A 38 4.65 3.83 25.03
CA THR A 38 3.26 4.14 25.33
C THR A 38 2.55 2.91 25.88
N ILE A 39 2.77 1.74 25.25
CA ILE A 39 2.26 0.47 25.77
CA ILE A 39 2.23 0.50 25.79
C ILE A 39 2.67 0.31 27.23
N GLU A 40 3.95 0.51 27.51
CA GLU A 40 4.44 0.30 28.86
C GLU A 40 3.81 1.28 29.85
N LYS A 41 3.58 2.52 29.42
CA LYS A 41 2.92 3.47 30.30
C LYS A 41 1.54 2.97 30.71
N PHE A 42 0.78 2.44 29.76
CA PHE A 42 -0.59 2.01 30.07
C PHE A 42 -0.62 0.65 30.76
N GLU A 43 0.36 -0.22 30.53
CA GLU A 43 0.41 -1.46 31.30
C GLU A 43 0.57 -1.17 32.79
N LYS A 44 1.39 -0.18 33.12
CA LYS A 44 1.58 0.20 34.51
C LYS A 44 0.35 0.89 35.04
N GLU A 45 -0.24 1.78 34.24
CA GLU A 45 -1.43 2.50 34.70
C GLU A 45 -2.58 1.54 35.00
N ALA A 46 -2.64 0.44 34.25
CA ALA A 46 -3.77 -0.49 34.38
C ALA A 46 -3.87 -1.12 35.76
N ALA A 47 -2.82 -1.02 36.58
CA ALA A 47 -2.93 -1.45 37.97
C ALA A 47 -4.14 -0.81 38.66
N GLU A 48 -4.54 0.39 38.23
CA GLU A 48 -5.64 1.12 38.85
C GLU A 48 -6.99 0.42 38.71
N LEU A 49 -7.14 -0.48 37.73
CA LEU A 49 -8.42 -1.15 37.51
C LEU A 49 -8.73 -2.19 38.57
N GLY A 50 -7.72 -2.68 39.26
CA GLY A 50 -7.94 -3.69 40.27
C GLY A 50 -6.68 -3.83 41.10
N LYS A 51 -5.99 -4.94 40.95
CA LYS A 51 -4.76 -5.18 41.70
C LYS A 51 -3.56 -5.44 40.80
N GLY A 52 -3.66 -5.18 39.50
CA GLY A 52 -2.49 -5.33 38.65
C GLY A 52 -2.76 -6.03 37.33
N SER A 53 -3.74 -6.93 37.26
CA SER A 53 -4.04 -7.60 36.00
C SER A 53 -4.58 -6.63 34.95
N PHE A 54 -4.27 -6.90 33.68
CA PHE A 54 -4.82 -6.08 32.61
C PHE A 54 -5.06 -6.88 31.34
N LYS A 55 -6.01 -6.42 30.54
CA LYS A 55 -6.29 -6.98 29.23
C LYS A 55 -5.50 -6.25 28.17
N TYR A 56 -4.93 -6.99 27.23
CA TYR A 56 -4.23 -6.33 26.12
C TYR A 56 -5.14 -5.35 25.39
N ALA A 57 -6.42 -5.71 25.23
CA ALA A 57 -7.33 -4.85 24.49
C ALA A 57 -7.57 -3.52 25.19
N TRP A 58 -7.49 -3.50 26.52
CA TRP A 58 -7.61 -2.24 27.25
C TRP A 58 -6.44 -1.33 26.94
N VAL A 59 -5.22 -1.91 26.95
CA VAL A 59 -4.03 -1.15 26.61
C VAL A 59 -4.11 -0.64 25.17
N LEU A 60 -4.60 -1.47 24.25
CA LEU A 60 -4.75 -1.04 22.86
C LEU A 60 -5.71 0.14 22.76
N ASP A 61 -6.79 0.11 23.55
CA ASP A 61 -7.73 1.22 23.54
CA ASP A 61 -7.73 1.23 23.52
C ASP A 61 -7.06 2.53 23.98
N LYS A 62 -6.22 2.45 25.02
CA LYS A 62 -5.56 3.65 25.50
C LYS A 62 -4.50 4.11 24.51
N LEU A 63 -3.81 3.16 23.84
CA LEU A 63 -2.84 3.51 22.82
C LEU A 63 -3.52 4.24 21.66
N LYS A 64 -4.71 3.79 21.26
CA LYS A 64 -5.45 4.47 20.20
C LYS A 64 -5.77 5.90 20.59
N ALA A 65 -6.28 6.11 21.80
CA ALA A 65 -6.59 7.47 22.24
C ALA A 65 -5.33 8.31 22.27
N GLU A 66 -4.20 7.72 22.65
CA GLU A 66 -2.96 8.48 22.73
C GLU A 66 -2.49 8.89 21.34
N ARG A 67 -2.63 7.97 20.36
CA ARG A 67 -2.32 8.31 18.98
C ARG A 67 -3.20 9.45 18.48
N GLU A 68 -4.49 9.42 18.81
CA GLU A 68 -5.40 10.48 18.37
C GLU A 68 -4.99 11.86 18.88
N ARG A 69 -4.32 11.91 20.04
CA ARG A 69 -3.82 13.16 20.61
C ARG A 69 -2.61 13.71 19.88
N GLY A 70 -1.96 12.89 19.06
CA GLY A 70 -0.77 13.33 18.34
C GLY A 70 0.52 13.23 19.13
N ILE A 71 0.55 12.46 20.22
CA ILE A 71 1.70 12.53 21.09
C ILE A 71 2.48 11.21 21.17
N THR A 72 2.06 10.18 20.43
CA THR A 72 2.90 8.99 20.28
C THR A 72 4.06 9.31 19.33
N ILE A 73 5.11 8.48 19.40
CA ILE A 73 6.37 8.78 18.74
C ILE A 73 6.50 8.08 17.39
N ASP A 74 6.04 6.84 17.29
CA ASP A 74 6.44 6.03 16.15
C ASP A 74 5.63 6.37 14.91
N ILE A 75 6.25 6.21 13.74
CA ILE A 75 5.53 6.46 12.49
C ILE A 75 4.52 5.36 12.18
N ALA A 76 3.77 5.53 11.09
CA ALA A 76 2.66 4.63 10.79
C ALA A 76 3.10 3.39 10.02
N LEU A 77 4.40 3.14 9.92
CA LEU A 77 4.93 1.94 9.30
C LEU A 77 5.02 0.86 10.39
N TRP A 78 4.14 -0.14 10.30
CA TRP A 78 3.95 -1.11 11.37
C TRP A 78 4.44 -2.49 10.94
N PHE A 80 5.44 -6.72 12.48
CA PHE A 80 5.52 -7.72 13.57
C PHE A 80 6.18 -9.01 13.03
N GLU A 81 6.51 -9.93 13.94
N GLU A 81 6.52 -9.94 13.91
CA GLU A 81 7.22 -11.17 13.63
CA GLU A 81 7.24 -11.14 13.52
C GLU A 81 6.30 -12.39 13.62
C GLU A 81 6.41 -12.41 13.66
N THR A 82 6.64 -13.34 12.76
CA THR A 82 6.14 -14.71 12.89
C THR A 82 7.39 -15.56 12.96
N PRO A 83 7.28 -16.89 13.16
CA PRO A 83 8.49 -17.70 13.15
C PRO A 83 9.32 -17.54 11.89
N LYS A 84 8.69 -17.44 10.72
CA LYS A 84 9.39 -17.35 9.44
C LYS A 84 9.66 -15.93 8.97
N TYR A 85 8.82 -14.97 9.34
CA TYR A 85 8.72 -13.71 8.60
C TYR A 85 8.84 -12.48 9.48
N GLN A 86 9.35 -11.41 8.89
CA GLN A 86 9.04 -10.08 9.37
C GLN A 86 7.92 -9.54 8.49
N VAL A 87 6.78 -9.23 9.10
CA VAL A 87 5.58 -8.84 8.38
C VAL A 87 5.42 -7.32 8.47
N THR A 88 5.33 -6.64 7.33
CA THR A 88 4.91 -5.25 7.30
C THR A 88 3.40 -5.22 7.04
N VAL A 89 2.62 -4.63 7.95
CA VAL A 89 1.17 -4.81 7.93
C VAL A 89 0.48 -3.45 7.79
N ILE A 90 -0.59 -3.44 7.01
CA ILE A 90 -1.45 -2.27 6.91
C ILE A 90 -2.84 -2.66 7.38
N ASP A 91 -3.29 -2.00 8.44
CA ASP A 91 -4.70 -2.00 8.84
C ASP A 91 -5.37 -0.99 7.90
N ALA A 92 -5.95 -1.49 6.79
CA ALA A 92 -6.39 -0.61 5.72
C ALA A 92 -7.23 0.57 6.24
N PRO A 93 -6.80 1.82 6.02
CA PRO A 93 -7.66 2.97 6.34
C PRO A 93 -8.99 2.92 5.61
N GLY A 94 -10.02 3.51 6.23
CA GLY A 94 -11.23 3.81 5.50
C GLY A 94 -11.13 5.04 4.61
N HIS A 95 -10.04 5.79 4.74
CA HIS A 95 -9.88 7.02 3.98
C HIS A 95 -9.98 6.77 2.48
N ARG A 96 -10.76 7.61 1.79
CA ARG A 96 -10.93 7.40 0.36
C ARG A 96 -9.65 7.65 -0.42
N ASP A 97 -8.72 8.44 0.10
CA ASP A 97 -7.43 8.63 -0.56
C ASP A 97 -6.48 7.45 -0.37
N PHE A 98 -6.84 6.49 0.47
CA PHE A 98 -6.04 5.27 0.57
C PHE A 98 -6.13 4.42 -0.69
N ILE A 99 -7.20 4.55 -1.49
CA ILE A 99 -7.35 3.67 -2.65
C ILE A 99 -6.19 3.87 -3.62
N LYS A 100 -5.87 5.12 -3.94
CA LYS A 100 -4.73 5.37 -4.81
C LYS A 100 -3.46 4.85 -4.16
N ASN A 101 -3.34 5.05 -2.85
CA ASN A 101 -2.13 4.61 -2.15
C ASN A 101 -2.00 3.09 -2.21
N MET A 102 -3.13 2.37 -2.17
CA MET A 102 -3.07 0.92 -2.26
C MET A 102 -2.62 0.45 -3.64
N ILE A 103 -2.97 1.21 -4.69
CA ILE A 103 -2.62 0.83 -6.05
C ILE A 103 -1.20 1.22 -6.37
N THR A 104 -0.80 2.47 -6.06
CA THR A 104 0.50 2.98 -6.48
C THR A 104 1.49 3.12 -5.36
N GLY A 105 1.05 2.97 -4.12
CA GLY A 105 1.95 3.09 -2.99
C GLY A 105 3.00 2.00 -2.98
N THR A 106 3.86 2.06 -1.99
CA THR A 106 5.01 1.18 -1.94
C THR A 106 4.56 -0.21 -1.47
N SER A 107 5.00 -1.24 -2.21
CA SER A 107 4.80 -2.63 -1.83
C SER A 107 3.35 -3.10 -1.94
N GLN A 108 3.05 -3.89 -2.96
CA GLN A 108 1.80 -4.62 -2.93
C GLN A 108 1.83 -5.64 -1.79
N ALA A 109 0.64 -5.97 -1.29
CA ALA A 109 0.52 -7.02 -0.30
C ALA A 109 0.80 -8.39 -0.90
N ASP A 110 1.45 -9.25 -0.10
CA ASP A 110 1.56 -10.65 -0.48
C ASP A 110 0.31 -11.43 -0.09
N CYS A 111 -0.38 -10.98 0.95
CA CYS A 111 -1.58 -11.64 1.46
C CYS A 111 -2.53 -10.58 1.99
N ALA A 112 -3.82 -10.76 1.73
CA ALA A 112 -4.85 -9.98 2.38
C ALA A 112 -5.44 -10.80 3.52
N ILE A 113 -5.79 -10.14 4.61
CA ILE A 113 -6.54 -10.77 5.69
C ILE A 113 -7.87 -10.07 5.79
N LEU A 114 -8.95 -10.83 5.54
CA LEU A 114 -10.31 -10.29 5.61
C LEU A 114 -10.86 -10.62 7.00
N ILE A 115 -11.17 -9.60 7.79
CA ILE A 115 -11.75 -9.79 9.12
C ILE A 115 -13.26 -9.63 9.01
N ILE A 116 -13.99 -10.63 9.53
CA ILE A 116 -15.44 -10.74 9.39
C ILE A 116 -16.04 -10.71 10.79
N ALA A 117 -17.01 -9.84 11.02
CA ALA A 117 -17.75 -9.89 12.28
C ALA A 117 -18.72 -11.07 12.28
N GLY A 118 -18.75 -11.84 13.37
CA GLY A 118 -19.63 -13.01 13.45
C GLY A 118 -21.09 -12.72 13.81
N GLY A 119 -21.39 -11.56 14.39
CA GLY A 119 -22.77 -11.28 14.76
C GLY A 119 -23.68 -11.14 13.56
N VAL A 120 -24.98 -11.39 13.76
CA VAL A 120 -25.86 -11.53 12.60
C VAL A 120 -25.99 -10.21 11.83
N GLY A 121 -26.29 -9.12 12.52
CA GLY A 121 -26.46 -7.87 11.80
C GLY A 121 -25.14 -7.35 11.25
N GLU A 122 -24.07 -7.51 12.03
CA GLU A 122 -22.78 -6.98 11.60
CA GLU A 122 -22.76 -7.00 11.62
C GLU A 122 -22.21 -7.77 10.42
N PHE A 123 -22.46 -9.07 10.36
CA PHE A 123 -21.95 -9.86 9.24
C PHE A 123 -22.56 -9.38 7.94
N GLU A 124 -23.90 -9.28 7.90
CA GLU A 124 -24.58 -8.89 6.68
C GLU A 124 -24.12 -7.52 6.21
N ALA A 125 -23.99 -6.56 7.13
CA ALA A 125 -23.54 -5.23 6.77
C ALA A 125 -22.19 -5.26 6.07
N GLY A 126 -21.31 -6.17 6.47
CA GLY A 126 -19.95 -6.20 5.95
C GLY A 126 -19.79 -6.77 4.55
N ILE A 127 -20.75 -7.56 4.06
CA ILE A 127 -20.63 -8.17 2.73
C ILE A 127 -21.50 -7.46 1.68
N SER A 128 -21.94 -6.24 1.96
CA SER A 128 -22.69 -5.50 0.95
C SER A 128 -21.86 -5.35 -0.32
N LYS A 129 -22.52 -5.51 -1.48
CA LYS A 129 -21.79 -5.36 -2.73
C LYS A 129 -21.23 -3.95 -2.89
N ASP A 130 -21.87 -2.95 -2.29
CA ASP A 130 -21.39 -1.58 -2.42
C ASP A 130 -20.48 -1.15 -1.27
N GLY A 131 -20.13 -2.08 -0.36
CA GLY A 131 -19.32 -1.72 0.79
C GLY A 131 -17.84 -1.50 0.47
N GLN A 132 -17.21 -0.71 1.35
CA GLN A 132 -15.76 -0.49 1.23
C GLN A 132 -14.98 -1.79 1.32
N THR A 133 -15.46 -2.77 2.10
CA THR A 133 -14.71 -4.02 2.22
C THR A 133 -14.62 -4.76 0.90
N ARG A 134 -15.75 -4.92 0.19
CA ARG A 134 -15.69 -5.58 -1.10
C ARG A 134 -14.77 -4.84 -2.06
N GLU A 135 -14.80 -3.50 -2.03
CA GLU A 135 -13.92 -2.76 -2.92
C GLU A 135 -12.45 -3.05 -2.62
N HIS A 136 -12.08 -3.08 -1.34
CA HIS A 136 -10.70 -3.41 -0.99
C HIS A 136 -10.33 -4.83 -1.45
N ALA A 137 -11.24 -5.78 -1.27
CA ALA A 137 -10.98 -7.15 -1.71
C ALA A 137 -10.80 -7.22 -3.22
N LEU A 138 -11.65 -6.51 -3.96
CA LEU A 138 -11.57 -6.48 -5.40
C LEU A 138 -10.29 -5.83 -5.87
N LEU A 139 -9.88 -4.75 -5.19
CA LEU A 139 -8.61 -4.11 -5.55
C LEU A 139 -7.45 -5.06 -5.31
N ALA A 140 -7.41 -5.71 -4.16
CA ALA A 140 -6.35 -6.68 -3.89
C ALA A 140 -6.31 -7.77 -4.96
N PHE A 141 -7.48 -8.32 -5.30
CA PHE A 141 -7.52 -9.37 -6.30
C PHE A 141 -7.01 -8.88 -7.64
N THR A 142 -7.46 -7.67 -8.03
CA THR A 142 -7.08 -7.12 -9.33
C THR A 142 -5.57 -6.89 -9.40
N LEU A 143 -4.98 -6.46 -8.29
CA LEU A 143 -3.56 -6.15 -8.24
C LEU A 143 -2.69 -7.40 -8.06
N GLY A 144 -3.29 -8.59 -8.06
CA GLY A 144 -2.53 -9.82 -7.99
C GLY A 144 -2.24 -10.33 -6.60
N VAL A 145 -2.90 -9.80 -5.58
CA VAL A 145 -2.81 -10.39 -4.25
C VAL A 145 -3.61 -11.69 -4.32
N ARG A 146 -2.94 -12.82 -4.47
CA ARG A 146 -3.70 -14.06 -4.66
C ARG A 146 -3.88 -14.84 -3.38
N GLN A 147 -3.16 -14.50 -2.32
CA GLN A 147 -3.31 -15.18 -1.04
C GLN A 147 -4.25 -14.41 -0.14
N LEU A 148 -5.15 -15.14 0.53
CA LEU A 148 -6.16 -14.55 1.40
C LEU A 148 -6.31 -15.42 2.63
N ILE A 149 -6.46 -14.78 3.78
CA ILE A 149 -6.85 -15.43 5.03
C ILE A 149 -8.13 -14.75 5.49
N VAL A 150 -9.09 -15.55 5.98
CA VAL A 150 -10.30 -15.00 6.58
C VAL A 150 -10.26 -15.27 8.08
N ALA A 151 -10.48 -14.25 8.89
CA ALA A 151 -10.64 -14.42 10.33
C ALA A 151 -12.06 -14.03 10.70
N VAL A 152 -12.80 -14.94 11.31
CA VAL A 152 -14.17 -14.66 11.74
C VAL A 152 -14.05 -14.20 13.18
N ASN A 153 -14.20 -12.90 13.41
CA ASN A 153 -13.99 -12.26 14.70
C ASN A 153 -15.32 -12.17 15.45
N LYS A 154 -15.22 -11.78 16.71
CA LYS A 154 -16.38 -11.63 17.61
C LYS A 154 -17.05 -12.99 17.86
N MET A 155 -16.28 -14.08 17.85
CA MET A 155 -16.91 -15.37 18.07
C MET A 155 -17.52 -15.47 19.45
N ASP A 156 -16.99 -14.73 20.44
CA ASP A 156 -17.62 -14.73 21.76
C ASP A 156 -19.08 -14.29 21.68
N SER A 157 -19.36 -13.33 20.80
CA SER A 157 -20.70 -12.74 20.78
C SER A 157 -21.74 -13.71 20.23
N VAL A 158 -21.30 -14.78 19.55
CA VAL A 158 -22.22 -15.81 19.09
C VAL A 158 -21.90 -17.11 19.80
N LYS A 159 -21.32 -17.00 21.01
CA LYS A 159 -21.11 -18.12 21.92
C LYS A 159 -20.31 -19.26 21.28
N TRP A 160 -19.36 -18.93 20.40
CA TRP A 160 -18.50 -19.94 19.76
C TRP A 160 -19.33 -21.08 19.17
N ASP A 161 -20.46 -20.72 18.55
CA ASP A 161 -21.37 -21.72 18.01
C ASP A 161 -20.85 -22.23 16.67
N GLU A 162 -20.76 -23.57 16.55
CA GLU A 162 -20.18 -24.17 15.35
C GLU A 162 -21.02 -23.89 14.11
N SER A 163 -22.34 -24.07 14.21
CA SER A 163 -23.19 -23.85 13.05
C SER A 163 -23.08 -22.41 12.53
N ARG A 164 -23.06 -21.44 13.45
CA ARG A 164 -22.89 -20.06 13.05
C ARG A 164 -21.57 -19.85 12.31
N PHE A 165 -20.47 -20.42 12.83
CA PHE A 165 -19.21 -20.32 12.12
C PHE A 165 -19.30 -20.97 10.74
N GLN A 166 -19.91 -22.15 10.65
CA GLN A 166 -20.03 -22.83 9.36
C GLN A 166 -20.85 -22.01 8.37
N GLU A 167 -21.96 -21.40 8.83
CA GLU A 167 -22.76 -20.57 7.92
C GLU A 167 -21.99 -19.33 7.50
N ILE A 168 -21.21 -18.74 8.42
CA ILE A 168 -20.39 -17.60 8.01
C ILE A 168 -19.36 -18.03 6.98
N VAL A 169 -18.75 -19.20 7.17
CA VAL A 169 -17.75 -19.64 6.21
C VAL A 169 -18.39 -19.84 4.85
N LYS A 170 -19.59 -20.44 4.82
CA LYS A 170 -20.31 -20.64 3.56
CA LYS A 170 -20.30 -20.64 3.56
C LYS A 170 -20.59 -19.31 2.87
N GLU A 171 -21.17 -18.36 3.61
CA GLU A 171 -21.54 -17.09 2.99
C GLU A 171 -20.31 -16.28 2.60
N THR A 172 -19.27 -16.30 3.43
CA THR A 172 -18.03 -15.58 3.09
C THR A 172 -17.34 -16.21 1.88
N SER A 173 -17.43 -17.54 1.75
CA SER A 173 -16.87 -18.20 0.57
C SER A 173 -17.56 -17.73 -0.69
N ASN A 174 -18.88 -17.56 -0.63
CA ASN A 174 -19.61 -17.01 -1.78
C ASN A 174 -19.14 -15.58 -2.07
N PHE A 175 -19.06 -14.75 -1.03
CA PHE A 175 -18.57 -13.37 -1.14
C PHE A 175 -17.22 -13.31 -1.84
N ILE A 176 -16.25 -14.12 -1.39
CA ILE A 176 -14.90 -13.98 -1.95
C ILE A 176 -14.78 -14.65 -3.31
N LYS A 177 -15.58 -15.69 -3.57
CA LYS A 177 -15.60 -16.32 -4.89
C LYS A 177 -16.11 -15.36 -5.96
N LYS A 178 -17.13 -14.55 -5.62
CA LYS A 178 -17.61 -13.55 -6.57
C LYS A 178 -16.53 -12.52 -6.85
N VAL A 179 -15.71 -12.17 -5.85
CA VAL A 179 -14.55 -11.32 -6.13
C VAL A 179 -13.57 -12.05 -7.04
N GLY A 180 -13.28 -13.32 -6.72
CA GLY A 180 -12.44 -14.12 -7.58
C GLY A 180 -11.54 -15.10 -6.87
N TYR A 181 -11.49 -15.05 -5.54
CA TYR A 181 -10.63 -15.95 -4.79
C TYR A 181 -11.21 -17.36 -4.80
N ASN A 182 -10.32 -18.36 -4.74
CA ASN A 182 -10.74 -19.75 -4.59
C ASN A 182 -10.83 -20.09 -3.12
N PRO A 183 -12.03 -20.30 -2.56
CA PRO A 183 -12.11 -20.51 -1.10
C PRO A 183 -11.34 -21.72 -0.60
N LYS A 184 -11.04 -22.71 -1.46
CA LYS A 184 -10.28 -23.87 -0.99
C LYS A 184 -8.84 -23.53 -0.61
N THR A 185 -8.32 -22.40 -1.09
CA THR A 185 -6.97 -21.94 -0.81
C THR A 185 -6.90 -20.99 0.39
N VAL A 186 -8.01 -20.79 1.09
CA VAL A 186 -8.17 -19.72 2.08
C VAL A 186 -8.41 -20.34 3.46
N PRO A 187 -7.53 -20.11 4.42
CA PRO A 187 -7.83 -20.54 5.81
C PRO A 187 -8.95 -19.69 6.39
N PHE A 188 -9.89 -20.33 7.08
CA PHE A 188 -10.93 -19.64 7.84
C PHE A 188 -10.68 -19.86 9.33
N VAL A 189 -10.38 -18.78 10.05
CA VAL A 189 -9.93 -18.88 11.45
C VAL A 189 -10.96 -18.20 12.33
N PRO A 190 -11.62 -18.91 13.25
CA PRO A 190 -12.49 -18.25 14.23
C PRO A 190 -11.63 -17.64 15.33
N ILE A 191 -11.82 -16.34 15.60
CA ILE A 191 -10.98 -15.66 16.57
C ILE A 191 -11.83 -14.81 17.50
N SER A 192 -11.20 -14.38 18.59
CA SER A 192 -11.64 -13.22 19.33
C SER A 192 -10.46 -12.25 19.42
N GLY A 193 -10.52 -11.17 18.65
CA GLY A 193 -9.45 -10.18 18.77
C GLY A 193 -9.35 -9.57 20.15
N TRP A 194 -10.49 -9.46 20.84
CA TRP A 194 -10.52 -8.84 22.15
C TRP A 194 -9.96 -9.75 23.24
N ASN A 195 -10.23 -11.04 23.17
CA ASN A 195 -9.86 -11.97 24.23
C ASN A 195 -8.68 -12.84 23.84
N GLY A 196 -8.19 -12.73 22.62
CA GLY A 196 -7.01 -13.44 22.21
C GLY A 196 -7.24 -14.83 21.68
N ASP A 197 -8.48 -15.35 21.68
CA ASP A 197 -8.70 -16.71 21.19
C ASP A 197 -8.21 -16.89 19.75
N ASN A 198 -7.39 -17.92 19.55
CA ASN A 198 -6.86 -18.32 18.23
C ASN A 198 -6.05 -17.21 17.57
N MET A 199 -5.53 -16.26 18.34
CA MET A 199 -4.67 -15.22 17.76
C MET A 199 -3.24 -15.74 17.71
N ILE A 200 -2.64 -15.91 18.89
CA ILE A 200 -1.30 -16.48 19.01
C ILE A 200 -1.36 -17.86 19.67
N GLU A 201 -2.33 -18.10 20.54
CA GLU A 201 -2.54 -19.40 21.16
C GLU A 201 -3.94 -19.90 20.84
N ALA A 202 -4.09 -21.22 20.81
CA ALA A 202 -5.36 -21.82 20.41
C ALA A 202 -6.44 -21.58 21.47
N THR A 203 -7.69 -21.48 21.00
CA THR A 203 -8.84 -21.29 21.87
C THR A 203 -9.10 -22.54 22.71
N THR A 204 -9.65 -22.31 23.90
CA THR A 204 -10.28 -23.37 24.70
C THR A 204 -11.81 -23.23 24.73
N ASN A 205 -12.40 -22.42 23.86
CA ASN A 205 -13.83 -22.13 23.93
C ASN A 205 -14.62 -22.84 22.84
N ALA A 206 -14.01 -23.75 22.10
CA ALA A 206 -14.65 -24.37 20.94
C ALA A 206 -14.13 -25.78 20.76
N PRO A 207 -14.62 -26.74 21.55
CA PRO A 207 -14.09 -28.10 21.41
C PRO A 207 -14.28 -28.66 20.02
N TRP A 208 -15.25 -28.14 19.27
CA TRP A 208 -15.53 -28.63 17.91
C TRP A 208 -14.46 -28.20 16.92
N TYR A 209 -13.67 -27.20 17.27
CA TYR A 209 -12.78 -26.58 16.32
C TYR A 209 -11.55 -27.45 16.13
N LYS A 210 -11.36 -27.94 14.90
CA LYS A 210 -10.24 -28.82 14.61
C LYS A 210 -9.07 -28.07 13.97
N GLY A 211 -9.24 -26.80 13.66
CA GLY A 211 -8.23 -26.01 13.00
C GLY A 211 -8.72 -25.51 11.64
N TRP A 212 -7.87 -24.70 11.02
CA TRP A 212 -8.09 -24.22 9.65
C TRP A 212 -7.30 -25.09 8.69
N GLU A 213 -7.67 -25.04 7.40
CA GLU A 213 -6.81 -25.65 6.40
C GLU A 213 -6.87 -24.85 5.11
N LYS A 214 -5.89 -25.11 4.26
CA LYS A 214 -5.87 -24.53 2.92
C LYS A 214 -5.19 -25.51 1.99
N GLU A 215 -5.71 -25.57 0.76
CA GLU A 215 -5.00 -26.27 -0.30
C GLU A 215 -3.87 -25.38 -0.83
N THR A 216 -2.72 -25.98 -1.07
CA THR A 216 -1.59 -25.33 -1.72
C THR A 216 -1.12 -26.21 -2.88
N LYS A 217 -0.15 -25.70 -3.67
CA LYS A 217 0.29 -26.50 -4.80
CA LYS A 217 0.37 -26.48 -4.79
C LYS A 217 0.96 -27.80 -4.34
N ALA A 218 1.57 -27.82 -3.14
CA ALA A 218 2.29 -29.00 -2.72
C ALA A 218 1.50 -29.90 -1.78
N GLY A 219 0.40 -29.42 -1.21
CA GLY A 219 -0.38 -30.26 -0.32
C GLY A 219 -1.37 -29.43 0.46
N VAL A 220 -1.82 -29.96 1.58
CA VAL A 220 -2.78 -29.27 2.45
C VAL A 220 -2.03 -28.79 3.69
N VAL A 221 -2.16 -27.51 4.00
CA VAL A 221 -1.52 -26.91 5.17
C VAL A 221 -2.59 -26.66 6.22
N LYS A 222 -2.29 -27.03 7.47
CA LYS A 222 -3.25 -26.91 8.56
C LYS A 222 -2.63 -26.16 9.72
N GLY A 223 -3.49 -25.50 10.51
CA GLY A 223 -3.06 -24.89 11.76
C GLY A 223 -4.26 -24.57 12.61
N LYS A 224 -4.00 -23.94 13.76
CA LYS A 224 -5.04 -23.50 14.68
CA LYS A 224 -5.03 -23.50 14.69
C LYS A 224 -5.19 -21.99 14.74
N THR A 225 -4.10 -21.24 14.76
CA THR A 225 -4.19 -19.83 15.09
C THR A 225 -4.05 -18.93 13.87
N LEU A 226 -4.40 -17.65 14.08
CA LEU A 226 -4.21 -16.67 13.04
C LEU A 226 -2.71 -16.45 12.78
N LEU A 227 -1.91 -16.45 13.85
CA LEU A 227 -0.47 -16.30 13.66
C LEU A 227 0.08 -17.45 12.82
N GLU A 228 -0.42 -18.67 13.03
CA GLU A 228 0.04 -19.78 12.19
CA GLU A 228 0.01 -19.79 12.19
C GLU A 228 -0.40 -19.60 10.74
N ALA A 229 -1.61 -19.06 10.52
CA ALA A 229 -2.05 -18.83 9.13
C ALA A 229 -1.15 -17.79 8.46
N ILE A 230 -0.74 -16.76 9.20
CA ILE A 230 0.14 -15.76 8.61
C ILE A 230 1.52 -16.35 8.33
N ASP A 231 2.04 -17.16 9.25
CA ASP A 231 3.32 -17.82 9.04
C ASP A 231 3.28 -18.76 7.85
N ALA A 232 2.09 -19.26 7.50
CA ALA A 232 1.94 -20.19 6.40
C ALA A 232 1.78 -19.50 5.05
N ILE A 233 1.77 -18.15 5.03
CA ILE A 233 1.80 -17.41 3.77
C ILE A 233 2.98 -17.89 2.94
N GLU A 234 2.74 -18.07 1.65
CA GLU A 234 3.78 -18.64 0.80
C GLU A 234 4.71 -17.55 0.34
N GLN A 235 6.02 -17.82 0.48
CA GLN A 235 7.15 -17.01 0.10
C GLN A 235 7.03 -16.52 -1.34
N PRO A 236 6.80 -15.24 -1.57
CA PRO A 236 6.78 -14.72 -2.94
C PRO A 236 8.20 -14.54 -3.49
N SER A 237 8.30 -14.53 -4.82
CA SER A 237 9.58 -14.37 -5.49
C SER A 237 9.91 -12.89 -5.65
N ARG A 238 11.18 -12.48 -5.22
CA ARG A 238 11.47 -11.07 -5.39
CA ARG A 238 11.51 -11.07 -5.38
C ARG A 238 12.21 -10.84 -6.70
N PRO A 239 11.94 -9.70 -7.37
CA PRO A 239 12.47 -9.44 -8.71
C PRO A 239 13.93 -8.98 -8.73
N THR A 240 14.78 -9.64 -7.93
CA THR A 240 16.19 -9.26 -7.84
C THR A 240 16.90 -9.40 -9.19
N ASP A 241 16.56 -10.43 -9.97
CA ASP A 241 17.30 -10.72 -11.18
C ASP A 241 16.65 -10.13 -12.42
N LYS A 242 15.49 -9.50 -12.28
CA LYS A 242 14.88 -8.75 -13.35
C LYS A 242 15.72 -7.51 -13.65
N PRO A 243 15.55 -6.93 -14.85
CA PRO A 243 16.32 -5.71 -15.17
C PRO A 243 15.94 -4.55 -14.26
N LEU A 244 16.87 -3.63 -14.05
CA LEU A 244 16.63 -2.53 -13.10
C LEU A 244 15.49 -1.64 -13.55
N ARG A 245 14.59 -1.30 -12.61
CA ARG A 245 13.63 -0.21 -12.78
C ARG A 245 13.55 0.58 -11.49
N LEU A 246 13.71 1.90 -11.59
CA LEU A 246 13.80 2.78 -10.42
C LEU A 246 13.10 4.08 -10.76
N PRO A 247 11.81 4.19 -10.45
CA PRO A 247 11.08 5.44 -10.72
C PRO A 247 11.53 6.54 -9.79
N LEU A 248 11.73 7.75 -10.35
CA LEU A 248 12.27 8.85 -9.56
C LEU A 248 11.18 9.53 -8.74
N GLN A 249 11.49 9.79 -7.47
CA GLN A 249 10.62 10.58 -6.61
C GLN A 249 11.02 12.03 -6.55
N ASP A 250 12.33 12.28 -6.58
CA ASP A 250 12.87 13.61 -6.39
C ASP A 250 14.20 13.67 -7.11
N VAL A 251 14.65 14.87 -7.39
CA VAL A 251 15.97 15.11 -7.98
C VAL A 251 16.58 16.31 -7.27
N TYR A 252 17.78 16.14 -6.73
CA TYR A 252 18.47 17.17 -5.99
C TYR A 252 19.74 17.60 -6.71
N LYS A 253 20.08 18.89 -6.58
CA LYS A 253 21.39 19.43 -6.96
C LYS A 253 22.14 19.75 -5.67
N ILE A 254 23.21 19.00 -5.41
CA ILE A 254 23.94 19.08 -4.15
C ILE A 254 25.32 19.67 -4.43
N GLY A 255 25.64 20.76 -3.76
CA GLY A 255 26.95 21.37 -3.95
C GLY A 255 28.05 20.40 -3.61
N GLY A 256 29.09 20.40 -4.46
CA GLY A 256 30.21 19.49 -4.32
C GLY A 256 29.94 18.05 -4.75
N ILE A 257 28.71 17.73 -5.15
CA ILE A 257 28.32 16.37 -5.50
C ILE A 257 27.65 16.35 -6.87
N GLY A 258 26.77 17.31 -7.13
CA GLY A 258 26.06 17.35 -8.39
C GLY A 258 24.65 16.80 -8.32
N THR A 259 24.24 16.06 -9.35
CA THR A 259 22.85 15.62 -9.48
C THR A 259 22.62 14.33 -8.71
N VAL A 260 21.58 14.33 -7.87
CA VAL A 260 21.24 13.19 -7.04
C VAL A 260 19.75 12.88 -7.19
N PRO A 261 19.38 11.99 -8.10
CA PRO A 261 18.02 11.46 -8.10
C PRO A 261 17.80 10.53 -6.91
N VAL A 262 16.55 10.47 -6.47
CA VAL A 262 16.14 9.60 -5.38
C VAL A 262 14.88 8.85 -5.79
N GLY A 263 14.82 7.56 -5.47
CA GLY A 263 13.63 6.78 -5.73
C GLY A 263 13.78 5.37 -5.20
N ARG A 264 12.71 4.60 -5.36
CA ARG A 264 12.68 3.22 -4.89
CA ARG A 264 12.67 3.22 -4.90
C ARG A 264 13.09 2.29 -6.02
N VAL A 265 14.00 1.37 -5.72
CA VAL A 265 14.32 0.29 -6.64
C VAL A 265 13.11 -0.64 -6.68
N GLU A 266 12.47 -0.76 -7.84
CA GLU A 266 11.30 -1.62 -7.94
C GLU A 266 11.66 -3.01 -8.45
N THR A 267 12.52 -3.11 -9.46
CA THR A 267 13.02 -4.38 -9.95
C THR A 267 14.53 -4.26 -10.15
N GLY A 268 15.22 -5.40 -10.12
CA GLY A 268 16.64 -5.37 -10.38
C GLY A 268 17.43 -4.75 -9.25
N VAL A 269 18.68 -4.45 -9.55
CA VAL A 269 19.62 -3.97 -8.55
C VAL A 269 20.42 -2.82 -9.15
N ILE A 270 20.67 -1.77 -8.36
CA ILE A 270 21.51 -0.65 -8.80
C ILE A 270 22.83 -0.69 -8.03
N LYS A 271 23.92 -0.47 -8.74
CA LYS A 271 25.28 -0.58 -8.21
C LYS A 271 26.11 0.58 -8.72
N PRO A 272 27.06 1.09 -7.94
CA PRO A 272 28.03 2.03 -8.50
C PRO A 272 28.77 1.37 -9.65
N GLY A 273 28.98 2.13 -10.72
CA GLY A 273 29.66 1.62 -11.89
C GLY A 273 28.74 1.08 -12.97
N MET A 274 27.44 0.90 -12.71
CA MET A 274 26.51 0.62 -13.78
C MET A 274 26.33 1.86 -14.66
N VAL A 275 25.94 1.63 -15.90
CA VAL A 275 25.54 2.70 -16.81
C VAL A 275 24.03 2.64 -16.91
N VAL A 276 23.36 3.75 -16.60
CA VAL A 276 21.91 3.74 -16.51
C VAL A 276 21.32 4.71 -17.52
N THR A 277 20.06 4.47 -17.86
CA THR A 277 19.30 5.33 -18.76
C THR A 277 18.06 5.84 -18.04
N PHE A 278 17.71 7.11 -18.26
CA PHE A 278 16.49 7.69 -17.70
C PHE A 278 15.46 7.85 -18.82
N ALA A 279 14.31 7.19 -18.66
CA ALA A 279 13.20 7.31 -19.61
C ALA A 279 12.16 8.24 -19.02
N PRO A 280 11.42 8.98 -19.86
CA PRO A 280 11.38 8.95 -21.32
C PRO A 280 12.40 9.85 -22.03
N ALA A 281 13.22 10.60 -21.31
CA ALA A 281 14.17 11.49 -21.97
C ALA A 281 15.20 10.71 -22.78
N GLY A 282 15.66 9.58 -22.24
CA GLY A 282 16.73 8.86 -22.90
C GLY A 282 18.09 9.46 -22.63
N VAL A 283 18.35 9.91 -21.41
CA VAL A 283 19.67 10.34 -20.98
C VAL A 283 20.38 9.15 -20.36
N THR A 284 21.66 8.98 -20.70
CA THR A 284 22.45 7.85 -20.25
C THR A 284 23.70 8.34 -19.53
N THR A 285 24.05 7.69 -18.42
CA THR A 285 25.18 8.13 -17.59
C THR A 285 25.57 7.02 -16.60
N GLU A 286 26.73 7.22 -15.98
CA GLU A 286 27.27 6.24 -15.04
C GLU A 286 26.82 6.55 -13.62
N VAL A 287 26.49 5.52 -12.86
CA VAL A 287 26.18 5.67 -11.44
C VAL A 287 27.49 5.84 -10.67
N LYS A 288 27.65 6.97 -9.99
CA LYS A 288 28.91 7.23 -9.27
C LYS A 288 28.90 6.60 -7.88
N SER A 289 27.82 6.80 -7.11
CA SER A 289 27.70 6.17 -5.80
C SER A 289 26.24 6.09 -5.45
N VAL A 290 25.92 5.26 -4.46
CA VAL A 290 24.56 5.00 -4.02
C VAL A 290 24.50 5.11 -2.50
N GLU A 291 23.52 5.85 -1.98
CA GLU A 291 23.38 6.00 -0.54
C GLU A 291 21.95 5.74 -0.11
N MET A 292 21.79 5.28 1.13
CA MET A 292 20.47 5.04 1.69
C MET A 292 20.51 5.28 3.20
N HIS A 293 19.68 6.21 3.68
CA HIS A 293 19.69 6.56 5.09
C HIS A 293 21.11 6.94 5.51
N HIS A 294 21.68 6.25 6.49
CA HIS A 294 23.01 6.60 6.99
C HIS A 294 24.15 5.94 6.21
N GLU A 295 23.85 5.00 5.32
CA GLU A 295 24.88 4.11 4.79
C GLU A 295 25.13 4.37 3.30
N GLN A 296 26.37 4.15 2.90
CA GLN A 296 26.69 4.02 1.48
C GLN A 296 26.58 2.54 1.11
N LEU A 297 26.06 2.27 -0.08
CA LEU A 297 25.70 0.91 -0.48
C LEU A 297 26.61 0.41 -1.59
N GLU A 298 26.95 -0.88 -1.53
CA GLU A 298 27.47 -1.50 -2.73
C GLU A 298 26.34 -1.89 -3.70
N GLN A 299 25.12 -2.06 -3.20
CA GLN A 299 24.00 -2.21 -4.13
C GLN A 299 22.70 -1.81 -3.44
N GLY A 300 21.80 -1.24 -4.24
CA GLY A 300 20.43 -1.03 -3.82
C GLY A 300 19.57 -2.10 -4.46
N VAL A 301 18.76 -2.78 -3.63
CA VAL A 301 18.01 -3.95 -4.05
C VAL A 301 16.52 -3.61 -4.04
N PRO A 302 15.66 -4.41 -4.66
CA PRO A 302 14.23 -4.05 -4.71
C PRO A 302 13.69 -3.72 -3.32
N GLY A 303 13.03 -2.59 -3.22
CA GLY A 303 12.50 -2.09 -1.97
C GLY A 303 13.32 -0.98 -1.33
N ASP A 304 14.61 -0.86 -1.68
CA ASP A 304 15.46 0.18 -1.13
C ASP A 304 15.10 1.52 -1.74
N ASN A 305 14.96 2.54 -0.88
CA ASN A 305 14.76 3.91 -1.35
C ASN A 305 16.13 4.58 -1.32
N VAL A 306 16.72 4.78 -2.49
CA VAL A 306 18.12 5.16 -2.54
C VAL A 306 18.27 6.50 -3.22
N GLY A 307 19.30 7.22 -2.82
CA GLY A 307 19.83 8.32 -3.59
C GLY A 307 21.05 7.81 -4.32
N PHE A 308 21.30 8.38 -5.50
CA PHE A 308 22.50 8.01 -6.24
C PHE A 308 22.96 9.22 -7.03
N ASN A 309 24.27 9.33 -7.19
CA ASN A 309 24.92 10.50 -7.79
C ASN A 309 25.30 10.15 -9.22
N VAL A 310 24.93 11.00 -10.17
CA VAL A 310 25.29 10.82 -11.57
C VAL A 310 25.89 12.12 -12.10
N LYS A 311 26.83 11.99 -13.04
CA LYS A 311 27.44 13.18 -13.62
C LYS A 311 26.87 13.45 -15.01
N ASN A 312 27.08 14.68 -15.48
CA ASN A 312 26.68 15.11 -16.83
C ASN A 312 25.18 14.97 -17.07
N VAL A 313 24.39 15.05 -16.01
CA VAL A 313 22.94 15.16 -16.11
C VAL A 313 22.54 16.31 -15.19
N SER A 314 21.81 17.27 -15.73
CA SER A 314 21.37 18.39 -14.90
C SER A 314 20.06 18.03 -14.21
N VAL A 315 19.79 18.71 -13.10
CA VAL A 315 18.50 18.51 -12.43
C VAL A 315 17.33 18.91 -13.30
N LYS A 316 17.59 19.61 -14.40
CA LYS A 316 16.53 20.05 -15.28
C LYS A 316 16.19 19.04 -16.37
N GLU A 317 17.05 18.07 -16.67
CA GLU A 317 16.73 17.12 -17.73
C GLU A 317 16.12 15.82 -17.22
N ILE A 318 16.09 15.59 -15.90
CA ILE A 318 15.37 14.45 -15.33
C ILE A 318 14.49 14.98 -14.20
N ARG A 319 13.37 14.29 -13.98
CA ARG A 319 12.37 14.80 -13.04
C ARG A 319 11.59 13.64 -12.45
N ARG A 320 10.84 13.96 -11.39
CA ARG A 320 9.94 13.00 -10.76
C ARG A 320 9.04 12.35 -11.80
N GLY A 321 8.89 11.03 -11.71
CA GLY A 321 8.08 10.28 -12.67
C GLY A 321 8.85 9.67 -13.82
N ASN A 322 10.04 10.18 -14.12
CA ASN A 322 10.92 9.46 -15.03
C ASN A 322 11.35 8.14 -14.37
N VAL A 323 11.88 7.22 -15.18
CA VAL A 323 12.22 5.89 -14.73
C VAL A 323 13.68 5.61 -15.09
N CYS A 324 14.47 5.23 -14.09
CA CYS A 324 15.87 4.86 -14.31
C CYS A 324 15.99 3.35 -14.48
N GLY A 325 16.76 2.91 -15.47
CA GLY A 325 16.99 1.51 -15.66
C GLY A 325 18.39 1.30 -16.20
N ASP A 326 18.70 0.03 -16.48
CA ASP A 326 20.04 -0.42 -16.85
C ASP A 326 20.19 -0.26 -18.36
N ALA A 327 21.15 0.54 -18.80
CA ALA A 327 21.40 0.66 -20.22
C ALA A 327 21.81 -0.68 -20.83
N LYS A 328 22.33 -1.62 -20.01
CA LYS A 328 22.87 -2.89 -20.51
C LYS A 328 21.87 -4.03 -20.46
N ASN A 329 20.60 -3.76 -20.17
CA ASN A 329 19.69 -4.86 -19.84
C ASN A 329 18.27 -4.29 -19.89
N ASP A 330 17.65 -4.38 -21.08
CA ASP A 330 16.28 -3.92 -21.34
C ASP A 330 16.04 -2.50 -20.82
N PRO A 331 16.75 -1.50 -21.34
CA PRO A 331 16.60 -0.15 -20.81
C PRO A 331 15.18 0.35 -20.96
N PRO A 332 14.72 1.20 -20.04
CA PRO A 332 13.35 1.72 -20.11
C PRO A 332 13.20 2.73 -21.24
N LYS A 333 11.96 2.83 -21.72
CA LYS A 333 11.64 3.67 -22.86
C LYS A 333 10.30 4.37 -22.61
N GLY A 334 10.15 5.54 -23.21
CA GLY A 334 8.84 6.17 -23.24
C GLY A 334 7.92 5.41 -24.18
N CYS A 335 6.62 5.71 -24.13
CA CYS A 335 5.67 5.01 -24.98
C CYS A 335 4.80 5.97 -25.79
N ALA A 336 4.33 5.49 -26.94
CA ALA A 336 3.34 6.25 -27.70
C ALA A 336 1.94 6.01 -27.19
N SER A 337 1.69 4.83 -26.64
CA SER A 337 0.39 4.44 -26.11
C SER A 337 0.63 3.14 -25.34
N PHE A 338 -0.39 2.76 -24.57
CA PHE A 338 -0.39 1.45 -23.92
C PHE A 338 -1.83 0.99 -23.80
N ASN A 339 -2.02 -0.34 -23.83
CA ASN A 339 -3.34 -0.93 -23.67
C ASN A 339 -3.42 -1.62 -22.31
N ALA A 340 -4.51 -1.38 -21.59
CA ALA A 340 -4.62 -1.87 -20.22
C ALA A 340 -6.01 -2.41 -19.96
N THR A 341 -6.09 -3.37 -19.04
CA THR A 341 -7.39 -3.80 -18.52
C THR A 341 -7.77 -2.85 -17.40
N VAL A 342 -8.94 -2.24 -17.53
CA VAL A 342 -9.43 -1.24 -16.60
C VAL A 342 -10.63 -1.83 -15.89
N ILE A 343 -10.62 -1.80 -14.56
CA ILE A 343 -11.78 -2.18 -13.74
C ILE A 343 -12.41 -0.89 -13.23
N VAL A 344 -13.66 -0.64 -13.58
CA VAL A 344 -14.32 0.61 -13.21
C VAL A 344 -14.91 0.44 -11.81
N LEU A 345 -14.56 1.34 -10.90
CA LEU A 345 -15.05 1.25 -9.54
C LEU A 345 -16.40 1.97 -9.44
N ASN A 346 -17.06 1.84 -8.31
CA ASN A 346 -18.30 2.59 -8.12
C ASN A 346 -18.01 4.08 -8.09
N HIS A 347 -18.70 4.83 -8.94
CA HIS A 347 -18.50 6.27 -8.98
C HIS A 347 -19.65 6.89 -9.77
N PRO A 348 -19.94 8.23 -9.54
CA PRO A 348 -21.12 8.85 -10.17
C PRO A 348 -20.82 9.29 -11.60
N GLY A 349 -20.56 8.32 -12.47
CA GLY A 349 -20.29 8.66 -13.86
C GLY A 349 -20.23 7.44 -14.74
N GLN A 350 -20.16 7.70 -16.05
CA GLN A 350 -19.88 6.69 -17.05
C GLN A 350 -18.78 7.17 -17.98
N ILE A 351 -18.05 6.24 -18.58
CA ILE A 351 -16.82 6.54 -19.28
C ILE A 351 -17.00 6.26 -20.76
N SER A 352 -16.71 7.26 -21.60
CA SER A 352 -16.73 7.08 -23.05
C SER A 352 -15.32 7.33 -23.61
N ALA A 353 -15.10 6.86 -24.84
CA ALA A 353 -13.85 7.20 -25.51
C ALA A 353 -13.66 8.71 -25.55
N GLY A 354 -12.41 9.15 -25.34
CA GLY A 354 -12.09 10.57 -25.24
C GLY A 354 -11.91 11.07 -23.83
N TYR A 355 -12.43 10.35 -22.84
CA TYR A 355 -12.22 10.67 -21.42
C TYR A 355 -10.72 10.80 -21.16
N SER A 356 -10.31 11.86 -20.46
CA SER A 356 -8.89 12.13 -20.27
C SER A 356 -8.57 12.57 -18.85
N PRO A 357 -8.74 11.67 -17.88
CA PRO A 357 -8.41 11.99 -16.49
C PRO A 357 -6.93 11.80 -16.21
N VAL A 358 -6.51 12.24 -15.02
CA VAL A 358 -5.15 11.96 -14.57
C VAL A 358 -5.02 10.50 -14.15
N LEU A 359 -3.94 9.88 -14.59
CA LEU A 359 -3.51 8.56 -14.13
C LEU A 359 -2.30 8.69 -13.21
N ASP A 360 -2.32 7.98 -12.10
CA ASP A 360 -1.13 7.83 -11.27
C ASP A 360 -0.57 6.44 -11.51
N CYS A 361 0.67 6.37 -11.98
CA CYS A 361 1.35 5.11 -12.27
C CYS A 361 2.78 5.26 -11.77
N HIS A 362 3.18 4.38 -10.84
CA HIS A 362 4.41 4.53 -10.06
C HIS A 362 4.54 5.99 -9.61
N THR A 363 5.59 6.75 -9.97
CA THR A 363 5.67 8.13 -9.50
C THR A 363 5.21 9.14 -10.54
N ALA A 364 4.69 8.69 -11.68
CA ALA A 364 4.16 9.54 -12.73
C ALA A 364 2.71 9.91 -12.46
N HIS A 365 2.33 11.13 -12.87
CA HIS A 365 1.02 11.74 -12.58
C HIS A 365 0.68 12.51 -13.85
N ILE A 366 -0.04 11.86 -14.77
CA ILE A 366 -0.16 12.33 -16.16
C ILE A 366 -1.57 12.05 -16.67
N ALA A 367 -2.19 13.05 -17.27
CA ALA A 367 -3.50 12.81 -17.88
C ALA A 367 -3.33 11.96 -19.12
N CYS A 368 -4.16 10.93 -19.25
CA CYS A 368 -4.08 10.02 -20.40
C CYS A 368 -5.46 9.87 -21.01
N ARG A 369 -5.54 9.94 -22.33
CA ARG A 369 -6.83 9.77 -22.98
C ARG A 369 -7.21 8.30 -23.07
N PHE A 370 -8.47 7.99 -22.72
CA PHE A 370 -9.08 6.71 -23.07
C PHE A 370 -9.33 6.75 -24.59
N ASP A 371 -8.32 6.39 -25.38
CA ASP A 371 -8.38 6.68 -26.82
C ASP A 371 -9.38 5.78 -27.54
N GLU A 372 -9.43 4.51 -27.14
CA GLU A 372 -10.37 3.55 -27.69
C GLU A 372 -10.78 2.60 -26.57
N LEU A 373 -12.04 2.22 -26.55
CA LEU A 373 -12.52 1.16 -25.68
C LEU A 373 -12.52 -0.09 -26.55
N LEU A 374 -11.54 -0.96 -26.35
CA LEU A 374 -11.33 -2.03 -27.31
C LEU A 374 -12.22 -3.23 -27.07
N GLU A 375 -12.37 -3.62 -25.79
CA GLU A 375 -13.14 -4.80 -25.41
C GLU A 375 -13.85 -4.54 -24.11
N LYS A 376 -14.99 -5.20 -23.91
CA LYS A 376 -15.45 -5.45 -22.56
C LYS A 376 -15.24 -6.92 -22.26
N ASN A 377 -14.84 -7.22 -21.01
CA ASN A 377 -14.43 -8.57 -20.63
C ASN A 377 -15.16 -9.06 -19.39
N ASP A 378 -15.30 -10.37 -19.29
CA ASP A 378 -15.63 -10.98 -18.00
C ASP A 378 -14.44 -10.77 -17.07
N ARG A 379 -14.69 -10.16 -15.90
CA ARG A 379 -13.57 -9.70 -15.09
C ARG A 379 -12.71 -10.86 -14.61
N ARG A 380 -13.35 -11.91 -14.08
CA ARG A 380 -12.59 -12.97 -13.44
C ARG A 380 -11.84 -13.82 -14.46
N SER A 381 -12.47 -14.11 -15.60
CA SER A 381 -11.87 -15.03 -16.59
C SER A 381 -11.13 -14.30 -17.69
N GLY A 382 -11.41 -13.02 -17.91
CA GLY A 382 -10.82 -12.29 -19.02
C GLY A 382 -11.48 -12.51 -20.37
N LYS A 383 -12.50 -13.37 -20.44
CA LYS A 383 -13.14 -13.66 -21.71
C LYS A 383 -13.73 -12.39 -22.33
N LYS A 384 -13.49 -12.21 -23.62
CA LYS A 384 -14.08 -11.07 -24.31
C LYS A 384 -15.58 -11.23 -24.44
N LEU A 385 -16.32 -10.21 -23.98
CA LEU A 385 -17.78 -10.16 -24.07
C LEU A 385 -18.27 -9.38 -25.27
N GLU A 386 -17.55 -8.32 -25.65
CA GLU A 386 -17.91 -7.54 -26.83
C GLU A 386 -16.68 -6.79 -27.32
N ASP A 387 -16.68 -6.51 -28.62
CA ASP A 387 -15.73 -5.59 -29.22
C ASP A 387 -16.28 -4.17 -29.19
N HIS A 388 -15.41 -3.22 -28.86
CA HIS A 388 -15.70 -1.80 -28.98
C HIS A 388 -16.98 -1.39 -28.26
N PRO A 389 -17.08 -1.66 -26.95
CA PRO A 389 -18.19 -1.12 -26.18
C PRO A 389 -18.23 0.39 -26.29
N LYS A 390 -19.44 0.93 -26.24
CA LYS A 390 -19.60 2.37 -26.44
C LYS A 390 -19.42 3.18 -25.17
N PHE A 391 -19.51 2.52 -24.00
CA PHE A 391 -19.25 3.18 -22.73
C PHE A 391 -18.98 2.11 -21.69
N LEU A 392 -18.39 2.53 -20.58
CA LEU A 392 -18.12 1.67 -19.44
C LEU A 392 -18.87 2.22 -18.23
N LYS A 393 -19.46 1.33 -17.43
CA LYS A 393 -20.06 1.76 -16.17
C LYS A 393 -19.42 0.99 -15.01
N SER A 394 -19.80 1.41 -13.80
CA SER A 394 -19.25 0.81 -12.59
CA SER A 394 -19.25 0.81 -12.59
C SER A 394 -19.35 -0.71 -12.65
N GLY A 395 -18.25 -1.36 -12.30
CA GLY A 395 -18.16 -2.81 -12.29
C GLY A 395 -17.58 -3.41 -13.56
N ASP A 396 -17.59 -2.68 -14.68
CA ASP A 396 -17.11 -3.24 -15.93
C ASP A 396 -15.60 -3.45 -15.89
N ALA A 397 -15.16 -4.49 -16.60
CA ALA A 397 -13.76 -4.74 -16.92
C ALA A 397 -13.61 -4.57 -18.42
N ALA A 398 -12.58 -3.83 -18.85
CA ALA A 398 -12.48 -3.50 -20.26
C ALA A 398 -11.02 -3.37 -20.67
N LEU A 399 -10.73 -3.71 -21.93
CA LEU A 399 -9.43 -3.40 -22.49
C LEU A 399 -9.50 -2.02 -23.13
N VAL A 400 -8.60 -1.12 -22.72
CA VAL A 400 -8.63 0.28 -23.17
C VAL A 400 -7.27 0.65 -23.73
N LYS A 401 -7.27 1.36 -24.86
CA LYS A 401 -6.05 1.96 -25.41
C LYS A 401 -5.89 3.36 -24.82
N PHE A 402 -4.77 3.60 -24.14
CA PHE A 402 -4.44 4.88 -23.53
C PHE A 402 -3.36 5.62 -24.32
N VAL A 403 -3.55 6.93 -24.49
CA VAL A 403 -2.53 7.79 -25.09
C VAL A 403 -2.09 8.81 -24.06
N PRO A 404 -0.85 8.79 -23.58
CA PRO A 404 -0.45 9.76 -22.55
C PRO A 404 -0.31 11.16 -23.14
N SER A 405 -0.71 12.16 -22.34
CA SER A 405 -0.64 13.55 -22.78
C SER A 405 0.77 14.15 -22.68
N LYS A 406 1.65 13.53 -21.92
CA LYS A 406 3.04 13.93 -21.73
C LYS A 406 3.89 12.68 -21.87
N PRO A 407 5.18 12.83 -22.19
CA PRO A 407 6.04 11.64 -22.28
C PRO A 407 6.00 10.82 -21.01
N MET A 408 5.87 9.50 -21.16
CA MET A 408 5.55 8.65 -20.03
C MET A 408 6.18 7.28 -20.22
N CYS A 409 6.81 6.74 -19.16
CA CYS A 409 7.37 5.40 -19.18
C CYS A 409 6.49 4.47 -18.35
N VAL A 410 5.93 3.45 -18.99
CA VAL A 410 5.15 2.42 -18.30
C VAL A 410 5.64 1.05 -18.80
N GLU A 411 5.15 0.00 -18.14
CA GLU A 411 5.50 -1.37 -18.49
C GLU A 411 4.27 -2.26 -18.45
N ALA A 412 4.36 -3.41 -19.13
CA ALA A 412 3.35 -4.44 -18.89
C ALA A 412 3.47 -4.99 -17.47
N PHE A 413 2.32 -5.19 -16.83
CA PHE A 413 2.26 -5.70 -15.46
C PHE A 413 2.93 -7.07 -15.36
N SER A 414 2.85 -7.88 -16.40
CA SER A 414 3.47 -9.20 -16.37
C SER A 414 4.98 -9.12 -16.26
N GLU A 415 5.58 -8.04 -16.76
CA GLU A 415 7.03 -7.89 -16.80
C GLU A 415 7.57 -7.11 -15.59
N TYR A 416 6.97 -5.97 -15.31
CA TYR A 416 7.46 -5.08 -14.26
C TYR A 416 6.26 -4.58 -13.47
N PRO A 417 5.77 -5.37 -12.51
CA PRO A 417 4.45 -5.10 -11.92
C PRO A 417 4.34 -3.70 -11.34
N PRO A 418 5.33 -3.15 -10.61
CA PRO A 418 5.13 -1.81 -10.04
C PRO A 418 5.01 -0.71 -11.08
N LEU A 419 5.42 -0.94 -12.31
CA LEU A 419 5.27 0.06 -13.37
C LEU A 419 4.13 -0.29 -14.31
N GLY A 420 3.27 -1.24 -13.93
CA GLY A 420 2.23 -1.70 -14.82
C GLY A 420 0.85 -1.68 -14.18
N ARG A 421 0.69 -1.00 -13.04
CA ARG A 421 -0.60 -0.84 -12.38
C ARG A 421 -0.82 0.65 -12.16
N PHE A 422 -2.07 1.10 -12.27
CA PHE A 422 -2.30 2.53 -12.11
C PHE A 422 -3.68 2.80 -11.55
N ALA A 423 -3.81 4.00 -10.98
CA ALA A 423 -5.07 4.53 -10.46
C ALA A 423 -5.56 5.63 -11.38
N VAL A 424 -6.86 5.65 -11.64
CA VAL A 424 -7.49 6.72 -12.43
C VAL A 424 -8.24 7.62 -11.45
N ARG A 425 -7.91 8.91 -11.44
CA ARG A 425 -8.48 9.86 -10.49
CA ARG A 425 -8.46 9.86 -10.49
C ARG A 425 -9.51 10.75 -11.16
N ASP A 426 -10.66 10.92 -10.51
CA ASP A 426 -11.67 11.89 -10.93
C ASP A 426 -12.69 12.03 -9.81
N MET A 427 -13.39 13.15 -9.79
CA MET A 427 -14.44 13.40 -8.79
C MET A 427 -13.93 13.14 -7.38
N ARG A 428 -12.69 13.56 -7.11
CA ARG A 428 -12.10 13.46 -5.77
C ARG A 428 -12.02 12.02 -5.26
N GLN A 429 -11.84 11.04 -6.16
CA GLN A 429 -11.73 9.65 -5.76
C GLN A 429 -10.94 8.90 -6.83
N THR A 430 -10.58 7.66 -6.51
CA THR A 430 -10.13 6.75 -7.55
C THR A 430 -11.36 6.16 -8.21
N VAL A 431 -11.53 6.40 -9.51
CA VAL A 431 -12.71 5.87 -10.20
C VAL A 431 -12.43 4.58 -10.94
N ALA A 432 -11.17 4.22 -11.15
CA ALA A 432 -10.86 2.97 -11.86
C ALA A 432 -9.44 2.54 -11.51
N VAL A 433 -9.18 1.23 -11.63
CA VAL A 433 -7.84 0.67 -11.47
C VAL A 433 -7.46 -0.02 -12.78
N GLY A 434 -6.20 0.12 -13.18
CA GLY A 434 -5.75 -0.42 -14.45
C GLY A 434 -4.54 -1.32 -14.30
N VAL A 435 -4.47 -2.33 -15.17
CA VAL A 435 -3.37 -3.28 -15.25
C VAL A 435 -2.91 -3.29 -16.70
N ILE A 436 -1.66 -2.87 -16.96
CA ILE A 436 -1.18 -2.67 -18.33
C ILE A 436 -0.86 -4.02 -18.97
N LYS A 437 -1.37 -4.23 -20.19
CA LYS A 437 -1.21 -5.49 -20.91
C LYS A 437 -0.30 -5.41 -22.13
N SER A 438 -0.15 -4.23 -22.75
CA SER A 438 0.80 -4.06 -23.83
C SER A 438 1.24 -2.60 -23.88
N VAL A 439 2.44 -2.37 -24.37
CA VAL A 439 2.99 -1.03 -24.47
C VAL A 439 3.58 -0.84 -25.87
N ASP A 440 3.25 0.27 -26.52
CA ASP A 440 3.89 0.64 -27.77
C ASP A 440 5.07 1.54 -27.45
N LYS A 441 6.27 0.97 -27.38
CA LYS A 441 7.44 1.74 -26.99
C LYS A 441 8.07 2.37 -28.21
N THR A 442 8.60 3.59 -28.04
CA THR A 442 9.25 4.40 -29.10
C THR A 442 9.01 3.92 -30.54
N UNK A 459 17.55 10.67 -34.18
CA UNK A 459 17.86 11.30 -32.90
C UNK A 459 17.89 12.82 -33.02
N UNK A 460 17.56 13.51 -31.92
CA UNK A 460 17.65 14.97 -31.84
C UNK A 460 18.83 15.32 -30.94
N UNK A 461 19.81 16.03 -31.49
CA UNK A 461 20.99 16.41 -30.73
C UNK A 461 20.62 17.44 -29.67
N UNK A 462 21.40 17.44 -28.58
CA UNK A 462 21.18 18.46 -27.55
C UNK A 462 21.38 19.86 -28.12
N UNK A 463 22.38 20.02 -29.00
CA UNK A 463 22.55 21.29 -29.70
C UNK A 463 21.33 21.59 -30.57
N UNK A 464 20.82 20.58 -31.28
CA UNK A 464 19.67 20.80 -32.15
C UNK A 464 18.41 21.13 -31.34
N UNK A 465 18.18 20.38 -30.25
CA UNK A 465 17.06 20.67 -29.38
C UNK A 465 17.10 22.12 -28.90
N UNK A 466 18.28 22.59 -28.49
CA UNK A 466 18.48 23.98 -28.13
C UNK A 466 18.43 24.89 -29.37
N PRO B 2 -21.24 13.89 19.88
CA PRO B 2 -21.94 12.65 19.52
C PRO B 2 -21.50 11.46 20.39
N ALA B 3 -22.38 10.48 20.55
CA ALA B 3 -22.03 9.28 21.31
C ALA B 3 -21.10 8.34 20.54
N LYS B 4 -20.95 8.52 19.23
CA LYS B 4 -20.10 7.67 18.41
C LYS B 4 -19.06 8.51 17.67
N PRO B 5 -17.81 8.04 17.59
CA PRO B 5 -16.75 8.85 16.99
C PRO B 5 -16.60 8.68 15.48
N ALA B 6 -15.99 9.69 14.88
CA ALA B 6 -15.74 9.74 13.44
C ALA B 6 -14.58 8.83 13.05
N ALA B 7 -14.68 8.27 11.84
CA ALA B 7 -13.60 7.43 11.32
C ALA B 7 -12.30 8.23 11.16
N LYS B 8 -11.19 7.63 11.57
CA LYS B 8 -9.89 8.29 11.52
C LYS B 8 -8.81 7.41 10.92
N SER B 9 -7.76 8.07 10.41
CA SER B 9 -6.54 7.42 9.93
C SER B 9 -5.33 8.16 10.47
N ILE B 10 -4.25 7.43 10.73
CA ILE B 10 -2.98 8.03 11.10
C ILE B 10 -2.08 7.94 9.87
N VAL B 11 -1.45 9.05 9.51
CA VAL B 11 -0.69 9.16 8.27
C VAL B 11 0.69 9.69 8.61
N THR B 12 1.72 9.09 8.01
CA THR B 12 3.06 9.65 8.11
C THR B 12 3.41 10.25 6.76
N LEU B 13 3.66 11.56 6.71
CA LEU B 13 4.05 12.24 5.48
C LEU B 13 5.56 12.42 5.44
N ASP B 14 6.14 12.19 4.27
CA ASP B 14 7.50 12.59 3.94
C ASP B 14 7.43 13.92 3.20
N VAL B 15 8.14 14.92 3.70
CA VAL B 15 8.17 16.24 3.07
C VAL B 15 9.63 16.48 2.68
N LYS B 16 9.88 16.62 1.37
CA LYS B 16 11.25 16.66 0.91
C LYS B 16 11.66 18.08 0.58
N PRO B 17 12.87 18.45 0.98
CA PRO B 17 13.41 19.80 0.72
C PRO B 17 13.96 19.91 -0.71
N TRP B 18 14.47 21.11 -1.03
CA TRP B 18 15.11 21.31 -2.33
C TRP B 18 16.56 20.83 -2.34
N ASP B 19 17.29 21.01 -1.25
CA ASP B 19 18.66 20.52 -1.21
C ASP B 19 19.08 20.37 0.25
N ASP B 20 20.38 20.14 0.45
CA ASP B 20 20.97 19.94 1.76
C ASP B 20 21.06 21.22 2.57
N GLU B 21 20.74 22.36 1.95
CA GLU B 21 20.81 23.65 2.64
C GLU B 21 19.43 24.19 3.02
N THR B 22 18.36 23.55 2.60
CA THR B 22 17.02 24.04 2.96
C THR B 22 16.88 24.15 4.47
N ASN B 23 16.26 25.26 4.94
CA ASN B 23 16.00 25.45 6.37
C ASN B 23 14.87 24.51 6.79
N LEU B 24 15.24 23.41 7.45
CA LEU B 24 14.28 22.37 7.79
C LEU B 24 13.34 22.79 8.92
N GLU B 25 13.83 23.58 9.86
CA GLU B 25 12.97 24.07 10.94
C GLU B 25 11.87 24.98 10.41
N GLU B 26 12.21 25.83 9.43
CA GLU B 26 11.16 26.61 8.77
C GLU B 26 10.19 25.69 8.05
N VAL B 28 9.29 22.56 8.65
CA VAL B 28 8.31 21.88 9.51
C VAL B 28 7.40 22.91 10.20
N ALA B 29 7.92 24.09 10.54
CA ALA B 29 7.04 25.09 11.14
C ALA B 29 5.89 25.42 10.20
N ASN B 30 6.18 25.52 8.89
CA ASN B 30 5.15 25.86 7.91
C ASN B 30 4.13 24.73 7.76
N VAL B 31 4.57 23.47 7.80
CA VAL B 31 3.64 22.33 7.79
C VAL B 31 2.71 22.41 8.99
N LYS B 32 3.29 22.59 10.19
CA LYS B 32 2.52 22.54 11.42
C LYS B 32 1.59 23.74 11.57
N ALA B 33 1.82 24.82 10.82
CA ALA B 33 0.92 25.96 10.81
C ALA B 33 -0.33 25.72 9.99
N ILE B 34 -0.38 24.63 9.22
CA ILE B 34 -1.58 24.32 8.43
C ILE B 34 -2.65 23.85 9.41
N GLU B 35 -3.80 24.52 9.39
CA GLU B 35 -4.92 24.18 10.26
C GLU B 35 -6.10 23.72 9.41
N GLU B 37 -10.00 21.56 10.05
CA GLU B 37 -10.89 20.86 10.96
C GLU B 37 -10.71 19.36 10.77
N GLY B 38 -10.46 18.65 11.88
CA GLY B 38 -10.26 17.21 11.81
C GLY B 38 -8.83 16.78 11.59
N LEU B 39 -7.89 17.72 11.52
CA LEU B 39 -6.46 17.44 11.36
C LEU B 39 -5.73 17.69 12.66
N THR B 40 -5.00 16.69 13.14
CA THR B 40 -4.15 16.79 14.33
C THR B 40 -2.71 16.48 13.92
N TRP B 41 -1.79 17.45 14.10
CA TRP B 41 -0.39 17.15 13.85
C TRP B 41 0.19 16.35 14.99
N GLY B 42 1.10 15.43 14.65
CA GLY B 42 1.78 14.62 15.64
C GLY B 42 3.28 14.81 15.64
N ALA B 43 4.01 13.73 15.94
CA ALA B 43 5.45 13.75 16.11
C ALA B 43 6.17 13.88 14.78
N HIS B 44 7.40 14.39 14.81
CA HIS B 44 8.16 14.49 13.58
C HIS B 44 9.64 14.29 13.88
N GLN B 45 10.37 13.93 12.82
CA GLN B 45 11.82 13.76 12.88
C GLN B 45 12.37 14.18 11.52
N PHE B 46 13.65 14.56 11.51
CA PHE B 46 14.35 14.78 10.25
C PHE B 46 15.25 13.58 10.01
N ILE B 47 15.10 12.96 8.84
CA ILE B 47 15.66 11.64 8.56
C ILE B 47 16.62 11.77 7.38
N PRO B 48 17.91 11.41 7.53
CA PRO B 48 18.82 11.42 6.37
C PRO B 48 18.34 10.48 5.26
N ILE B 49 18.48 10.92 4.01
CA ILE B 49 18.17 10.07 2.86
C ILE B 49 19.38 9.85 1.98
N GLY B 50 20.53 10.44 2.31
CA GLY B 50 21.75 10.26 1.55
C GLY B 50 22.30 11.60 1.10
N PHE B 51 23.62 11.68 0.94
CA PHE B 51 24.28 12.85 0.36
C PHE B 51 24.03 14.12 1.17
N GLY B 52 23.72 13.98 2.46
CA GLY B 52 23.51 15.13 3.32
C GLY B 52 22.12 15.73 3.27
N ILE B 53 21.24 15.15 2.48
CA ILE B 53 19.84 15.57 2.44
C ILE B 53 19.08 14.90 3.58
N LYS B 54 18.22 15.65 4.24
CA LYS B 54 17.27 15.09 5.21
C LYS B 54 15.85 15.41 4.79
N LYS B 55 14.96 14.43 4.92
CA LYS B 55 13.53 14.66 4.72
C LYS B 55 12.86 14.88 6.07
N LEU B 56 11.76 15.59 6.04
CA LEU B 56 10.87 15.66 7.19
C LEU B 56 9.92 14.49 7.15
N GLN B 57 9.84 13.75 8.25
CA GLN B 57 8.86 12.69 8.41
CA GLN B 57 8.87 12.68 8.42
C GLN B 57 7.94 13.11 9.56
N ILE B 58 6.67 13.36 9.26
CA ILE B 58 5.75 13.91 10.26
C ILE B 58 4.45 13.12 10.30
N ASN B 59 4.01 12.78 11.52
CA ASN B 59 2.72 12.12 11.71
C ASN B 59 1.59 13.13 11.71
N CYS B 60 0.42 12.70 11.23
CA CYS B 60 -0.80 13.44 11.53
C CYS B 60 -1.95 12.43 11.69
N VAL B 61 -3.00 12.87 12.33
CA VAL B 61 -4.20 12.04 12.44
C VAL B 61 -5.33 12.82 11.78
N VAL B 62 -6.09 12.16 10.91
CA VAL B 62 -7.12 12.86 10.14
C VAL B 62 -8.47 12.18 10.32
N GLU B 63 -9.52 12.99 10.39
CA GLU B 63 -10.87 12.48 10.23
C GLU B 63 -11.12 12.26 8.74
N ASP B 64 -11.38 11.00 8.36
CA ASP B 64 -11.50 10.62 6.96
C ASP B 64 -12.47 11.52 6.20
N ASP B 65 -13.60 11.87 6.81
CA ASP B 65 -14.63 12.60 6.07
C ASP B 65 -14.37 14.09 5.98
N LYS B 66 -13.41 14.60 6.76
CA LYS B 66 -13.14 16.03 6.82
C LYS B 66 -11.84 16.46 6.15
N VAL B 67 -10.83 15.60 6.09
CA VAL B 67 -9.50 16.01 5.65
C VAL B 67 -9.14 15.23 4.39
N SER B 68 -9.06 15.93 3.27
CA SER B 68 -8.52 15.36 2.05
C SER B 68 -7.00 15.30 2.14
N LEU B 69 -6.43 14.10 1.95
CA LEU B 69 -4.97 14.00 1.96
C LEU B 69 -4.38 14.60 0.69
N ASP B 70 -5.11 14.50 -0.43
CA ASP B 70 -4.67 15.15 -1.65
C ASP B 70 -4.56 16.65 -1.42
N ASP B 71 -5.59 17.24 -0.81
CA ASP B 71 -5.58 18.67 -0.55
C ASP B 71 -4.47 19.04 0.43
N LEU B 72 -4.27 18.22 1.47
CA LEU B 72 -3.23 18.53 2.45
C LEU B 72 -1.85 18.49 1.82
N GLN B 73 -1.58 17.49 0.98
CA GLN B 73 -0.31 17.46 0.28
C GLN B 73 -0.13 18.69 -0.60
N GLN B 74 -1.17 19.06 -1.35
CA GLN B 74 -1.06 20.22 -2.24
C GLN B 74 -0.79 21.48 -1.43
N SER B 75 -1.46 21.61 -0.26
CA SER B 75 -1.25 22.79 0.59
C SER B 75 0.17 22.86 1.10
N ILE B 76 0.72 21.73 1.55
CA ILE B 76 2.10 21.70 2.02
C ILE B 76 3.03 22.12 0.91
N GLU B 77 2.79 21.60 -0.29
CA GLU B 77 3.64 21.91 -1.44
C GLU B 77 3.55 23.35 -1.90
N GLU B 78 2.61 24.15 -1.37
CA GLU B 78 2.64 25.57 -1.76
C GLU B 78 3.86 26.30 -1.18
N ASP B 79 4.53 25.72 -0.19
CA ASP B 79 5.74 26.31 0.39
C ASP B 79 6.92 25.97 -0.51
N GLU B 80 6.90 26.56 -1.69
CA GLU B 80 7.86 26.20 -2.71
C GLU B 80 9.27 26.63 -2.35
N ASP B 81 9.41 27.62 -1.47
CA ASP B 81 10.74 28.01 -1.05
C ASP B 81 11.46 26.91 -0.27
N HIS B 82 10.71 25.99 0.35
CA HIS B 82 11.31 24.92 1.14
C HIS B 82 11.02 23.52 0.60
N VAL B 83 9.86 23.29 -0.02
CA VAL B 83 9.34 21.95 -0.25
C VAL B 83 9.45 21.59 -1.73
N GLN B 84 10.15 20.48 -2.03
CA GLN B 84 10.19 19.97 -3.39
C GLN B 84 8.99 19.06 -3.68
N SER B 85 8.62 18.22 -2.72
CA SER B 85 7.54 17.25 -2.93
C SER B 85 7.09 16.72 -1.57
N THR B 86 5.94 16.03 -1.58
CA THR B 86 5.50 15.26 -0.43
C THR B 86 5.09 13.88 -0.91
N ASP B 87 5.21 12.92 0.00
CA ASP B 87 4.77 11.56 -0.28
C ASP B 87 4.22 10.95 1.00
N ILE B 88 3.36 9.95 0.83
CA ILE B 88 2.82 9.23 1.99
C ILE B 88 3.77 8.09 2.33
N ALA B 89 4.43 8.19 3.49
CA ALA B 89 5.37 7.15 3.91
C ALA B 89 4.63 5.92 4.38
N ALA B 90 3.50 6.13 5.04
CA ALA B 90 2.68 5.05 5.55
C ALA B 90 1.37 5.64 6.03
N GLN B 92 -2.44 4.20 8.25
CA GLN B 92 -3.14 3.13 8.95
C GLN B 92 -4.51 3.62 9.38
N LYS B 93 -5.48 2.70 9.40
CA LYS B 93 -6.71 2.98 10.13
C LYS B 93 -6.39 3.19 11.61
N LEU B 94 -7.15 4.08 12.27
CA LEU B 94 -7.22 4.01 13.74
C LEU B 94 -8.51 3.35 14.23
#